data_8HTE
#
_entry.id   8HTE
#
_cell.length_a   59.074
_cell.length_b   70.478
_cell.length_c   90.562
_cell.angle_alpha   90.000
_cell.angle_beta   90.000
_cell.angle_gamma   90.000
#
_symmetry.space_group_name_H-M   'P 21 21 21'
#
loop_
_entity.id
_entity.type
_entity.pdbx_description
1 polymer 'NAD(+)--protein-threonine ADP-ribosyltransferase'
2 polymer Ubiquitin
3 non-polymer 'SULFATE ION'
4 non-polymer GLYCEROL
5 non-polymer NICOTINAMIDE
6 non-polymer '[(2R,3S,4R,5R)-5-(6-AMINOPURIN-9-YL)-3,4-DIHYDROXY-OXOLAN-2-YL]METHYL [HYDROXY-[[(2R,3S,4R,5S)-3,4,5-TRIHYDROXYOXOLAN-2-YL]METHOXY]PHOSPHORYL] HYDROGEN PHOSPHATE'
7 water water
#
loop_
_entity_poly.entity_id
_entity_poly.type
_entity_poly.pdbx_seq_one_letter_code
_entity_poly.pdbx_strand_id
1 'polypeptide(L)'
;SNRQEKLAQLMRQFESGGLYLRTVSDHRDEFENTFMPKLDACLGHGCDERYWSSATFIQQGLNGKVHDPHADRTGLIISA
DARLGGFSTFDAATANVPSGLEPSQYFPGQFPKFDMMGAYQATWNEDIFSVDATAVSEQQMDELGIPDEYRSVFDFDRIQ
EKMAQPRLAGREVEPTAAKICYQPKDVLGIYVDVDSPASQSKARELQQAMREQGFDLPFIAYRGGAAQELASV
;
A
2 'polypeptide(L)' MQIFVKTLTGKTITLEVESSDTIDNVKSKIQDKEGIPPDQQRLIFAGKQLEDGRTLSDYNIQKESTLHLVLRLRGG B
#
loop_
_chem_comp.id
_chem_comp.type
_chem_comp.name
_chem_comp.formula
AR6 non-polymer '[(2R,3S,4R,5R)-5-(6-AMINOPURIN-9-YL)-3,4-DIHYDROXY-OXOLAN-2-YL]METHYL [HYDROXY-[[(2R,3S,4R,5S)-3,4,5-TRIHYDROXYOXOLAN-2-YL]METHOXY]PHOSPHORYL] HYDROGEN PHOSPHATE' 'C15 H23 N5 O14 P2'
GOL non-polymer GLYCEROL 'C3 H8 O3'
NCA non-polymer NICOTINAMIDE 'C6 H6 N2 O'
SO4 non-polymer 'SULFATE ION' 'O4 S -2'
#
# COMPACT_ATOMS: atom_id res chain seq x y z
N SER A 1 14.02 20.74 -15.54
CA SER A 1 12.68 20.32 -15.90
C SER A 1 11.65 21.37 -15.45
N ASN A 2 10.78 21.80 -16.36
CA ASN A 2 9.78 22.82 -16.02
C ASN A 2 8.38 22.23 -15.98
N ARG A 3 7.42 23.08 -15.59
CA ARG A 3 6.07 22.62 -15.31
C ARG A 3 5.46 21.90 -16.50
N GLN A 4 5.62 22.46 -17.70
CA GLN A 4 5.02 21.84 -18.89
C GLN A 4 5.72 20.52 -19.22
N GLU A 5 7.03 20.45 -18.97
CA GLU A 5 7.78 19.23 -19.26
C GLU A 5 7.39 18.11 -18.31
N LYS A 6 7.18 18.42 -17.02
CA LYS A 6 6.69 17.41 -16.08
C LYS A 6 5.31 16.91 -16.50
N LEU A 7 4.41 17.83 -16.81
CA LEU A 7 3.07 17.47 -17.27
C LEU A 7 3.12 16.58 -18.49
N ALA A 8 3.99 16.91 -19.45
CA ALA A 8 4.07 16.13 -20.68
C ALA A 8 4.57 14.71 -20.39
N GLN A 9 5.60 14.60 -19.56
CA GLN A 9 6.11 13.30 -19.18
C GLN A 9 5.05 12.48 -18.44
N LEU A 10 4.31 13.14 -17.55
CA LEU A 10 3.24 12.50 -16.79
C LEU A 10 2.17 11.93 -17.71
N MET A 11 1.69 12.75 -18.64
CA MET A 11 0.60 12.32 -19.50
C MET A 11 1.04 11.23 -20.47
N ARG A 12 2.31 11.26 -20.91
CA ARG A 12 2.85 10.16 -21.72
C ARG A 12 2.83 8.85 -20.96
N GLN A 13 3.32 8.85 -19.72
CA GLN A 13 3.27 7.65 -18.91
C GLN A 13 1.85 7.20 -18.66
N PHE A 14 0.98 8.15 -18.26
CA PHE A 14 -0.41 7.81 -17.97
C PHE A 14 -1.06 7.06 -19.13
N GLU A 15 -0.76 7.45 -20.36
CA GLU A 15 -1.43 6.86 -21.52
C GLU A 15 -0.69 5.66 -22.08
N SER A 16 0.43 5.29 -21.46
CA SER A 16 1.15 4.06 -21.76
C SER A 16 0.97 3.03 -20.65
N GLY A 17 2.07 2.70 -19.98
CA GLY A 17 1.99 1.72 -18.92
C GLY A 17 1.52 2.22 -17.57
N GLY A 18 1.14 3.49 -17.43
CA GLY A 18 0.65 4.00 -16.16
C GLY A 18 1.74 4.65 -15.32
N LEU A 19 1.35 5.09 -14.12
CA LEU A 19 2.33 5.65 -13.18
C LEU A 19 1.71 5.62 -11.79
N TYR A 20 2.23 6.45 -10.88
CA TYR A 20 1.84 6.38 -9.47
C TYR A 20 1.11 7.64 -9.01
N LEU A 21 0.17 7.43 -8.09
CA LEU A 21 -0.54 8.51 -7.42
C LEU A 21 -0.48 8.25 -5.92
N ARG A 22 -0.01 9.24 -5.17
CA ARG A 22 0.19 9.13 -3.74
C ARG A 22 -0.58 10.26 -3.06
N THR A 23 -1.80 9.96 -2.62
CA THR A 23 -2.53 10.91 -1.78
C THR A 23 -1.92 10.93 -0.39
N VAL A 24 -2.00 12.08 0.26
CA VAL A 24 -1.53 12.24 1.64
C VAL A 24 -2.60 12.96 2.44
N SER A 25 -2.78 12.53 3.70
CA SER A 25 -3.65 13.24 4.62
C SER A 25 -3.03 14.54 5.12
N ASP A 26 -1.70 14.56 5.28
CA ASP A 26 -0.98 15.70 5.85
C ASP A 26 0.10 16.11 4.84
N HIS A 27 -0.20 17.11 4.02
CA HIS A 27 0.75 17.47 2.97
C HIS A 27 1.95 18.23 3.50
N ARG A 28 1.79 18.95 4.61
CA ARG A 28 2.93 19.61 5.23
C ARG A 28 3.86 18.58 5.83
N ASP A 29 3.30 17.52 6.40
CA ASP A 29 4.11 16.39 6.84
C ASP A 29 4.88 15.79 5.66
N GLU A 30 4.19 15.50 4.55
CA GLU A 30 4.87 14.92 3.39
C GLU A 30 5.98 15.83 2.89
N PHE A 31 5.70 17.14 2.81
CA PHE A 31 6.72 18.05 2.30
C PHE A 31 7.93 18.07 3.21
N GLU A 32 7.72 18.40 4.48
CA GLU A 32 8.84 18.64 5.39
C GLU A 32 9.56 17.35 5.73
N ASN A 33 8.81 16.27 5.95
CA ASN A 33 9.40 15.07 6.54
C ASN A 33 9.69 13.96 5.53
N THR A 34 8.94 13.86 4.44
CA THR A 34 9.27 12.91 3.38
C THR A 34 10.08 13.55 2.26
N PHE A 35 9.58 14.63 1.65
CA PHE A 35 10.21 15.14 0.45
C PHE A 35 11.54 15.85 0.75
N MET A 36 11.54 16.77 1.71
CA MET A 36 12.70 17.61 1.96
C MET A 36 13.94 16.82 2.37
N PRO A 37 13.88 15.87 3.29
CA PRO A 37 15.08 15.08 3.59
C PRO A 37 15.66 14.38 2.38
N LYS A 38 14.86 14.12 1.34
CA LYS A 38 15.42 13.53 0.12
C LYS A 38 16.30 14.50 -0.63
N LEU A 39 16.17 15.81 -0.39
CA LEU A 39 17.06 16.79 -1.01
C LEU A 39 18.31 17.06 -0.19
N ASP A 40 18.20 17.14 1.14
CA ASP A 40 19.35 17.32 2.02
C ASP A 40 19.17 16.54 3.31
N GLU A 49 13.90 7.67 8.18
CA GLU A 49 13.49 6.35 7.69
C GLU A 49 12.04 6.38 7.19
N ARG A 50 11.78 7.22 6.21
CA ARG A 50 10.55 7.14 5.43
C ARG A 50 10.91 6.70 4.01
N TYR A 51 11.71 5.63 3.91
CA TYR A 51 12.34 5.30 2.63
C TYR A 51 11.29 4.83 1.62
N TRP A 52 10.40 3.94 2.03
CA TRP A 52 9.34 3.43 1.18
C TRP A 52 8.03 4.15 1.45
N SER A 53 7.37 4.57 0.36
CA SER A 53 6.07 5.23 0.40
C SER A 53 5.05 4.40 -0.36
N SER A 54 3.83 4.34 0.20
CA SER A 54 2.69 3.77 -0.48
C SER A 54 2.19 4.69 -1.60
N ALA A 55 1.73 4.07 -2.68
CA ALA A 55 1.10 4.81 -3.77
C ALA A 55 0.21 3.83 -4.51
N THR A 56 -0.62 4.38 -5.39
CA THR A 56 -1.57 3.61 -6.19
C THR A 56 -1.24 3.71 -7.68
N PHE A 57 -1.41 2.61 -8.39
CA PHE A 57 -1.20 2.58 -9.83
C PHE A 57 -2.36 3.30 -10.52
N ILE A 58 -2.05 4.30 -11.33
CA ILE A 58 -3.04 4.93 -12.18
C ILE A 58 -2.63 4.75 -13.63
N GLN A 59 -3.62 4.66 -14.50
CA GLN A 59 -3.38 4.39 -15.91
C GLN A 59 -4.62 4.83 -16.69
N GLN A 60 -4.41 5.34 -17.90
CA GLN A 60 -5.54 5.75 -18.72
C GLN A 60 -6.41 4.54 -19.01
N GLY A 61 -7.71 4.70 -18.79
CA GLY A 61 -8.65 3.62 -19.04
C GLY A 61 -8.78 2.61 -17.93
N LEU A 62 -7.98 2.70 -16.86
CA LEU A 62 -8.17 1.84 -15.70
C LEU A 62 -9.01 2.62 -14.70
N ASN A 63 -10.23 2.15 -14.48
CA ASN A 63 -11.14 2.81 -13.55
C ASN A 63 -10.71 2.59 -12.10
N GLY A 64 -9.59 3.20 -11.70
CA GLY A 64 -8.99 2.98 -10.40
C GLY A 64 -9.35 4.07 -9.40
N LYS A 65 -9.84 3.65 -8.24
CA LYS A 65 -10.11 4.57 -7.16
C LYS A 65 -8.84 4.91 -6.42
N VAL A 66 -8.82 6.09 -5.82
CA VAL A 66 -7.71 6.56 -4.99
C VAL A 66 -8.13 6.48 -3.54
N HIS A 67 -7.16 6.38 -2.64
CA HIS A 67 -7.48 6.39 -1.22
C HIS A 67 -7.72 7.84 -0.79
N ASP A 68 -8.98 8.19 -0.53
CA ASP A 68 -9.36 9.52 -0.07
C ASP A 68 -10.69 9.43 0.67
N PRO A 69 -10.68 8.93 1.91
CA PRO A 69 -11.96 8.60 2.59
C PRO A 69 -13.00 9.71 2.56
N HIS A 70 -12.62 10.93 2.93
CA HIS A 70 -13.52 12.07 2.94
C HIS A 70 -13.38 12.96 1.70
N ALA A 71 -12.68 12.48 0.68
CA ALA A 71 -12.60 13.18 -0.62
C ALA A 71 -12.07 14.60 -0.46
N ASP A 72 -11.03 14.78 0.37
CA ASP A 72 -10.53 16.12 0.62
C ASP A 72 -9.00 16.18 0.63
N ARG A 73 -8.34 15.26 -0.05
CA ARG A 73 -6.89 15.17 -0.02
C ARG A 73 -6.28 15.78 -1.26
N THR A 74 -5.04 16.27 -1.12
CA THR A 74 -4.16 16.45 -2.26
C THR A 74 -3.12 15.32 -2.23
N GLY A 75 -2.08 15.45 -3.04
CA GLY A 75 -1.08 14.40 -3.11
C GLY A 75 -0.12 14.64 -4.27
N LEU A 76 0.64 13.60 -4.58
CA LEU A 76 1.69 13.68 -5.58
C LEU A 76 1.46 12.66 -6.69
N ILE A 77 1.60 13.11 -7.92
CA ILE A 77 1.73 12.23 -9.06
C ILE A 77 3.21 11.92 -9.24
N ILE A 78 3.55 10.63 -9.25
CA ILE A 78 4.93 10.20 -9.18
C ILE A 78 5.24 9.32 -10.38
N SER A 79 6.45 9.54 -10.93
CA SER A 79 6.87 8.92 -12.17
C SER A 79 6.90 7.41 -12.07
N ALA A 80 6.53 6.76 -13.17
CA ALA A 80 6.68 5.32 -13.33
C ALA A 80 8.12 4.84 -13.16
N ASP A 81 9.11 5.73 -13.15
CA ASP A 81 10.50 5.34 -13.03
C ASP A 81 11.00 5.28 -11.59
N ALA A 82 10.15 5.57 -10.60
CA ALA A 82 10.55 5.45 -9.20
C ALA A 82 10.89 4.01 -8.87
N ARG A 83 11.80 3.82 -7.92
CA ARG A 83 12.21 2.48 -7.54
C ARG A 83 11.02 1.74 -6.95
N LEU A 84 10.80 0.50 -7.43
CA LEU A 84 9.62 -0.28 -7.08
C LEU A 84 10.00 -1.36 -6.08
N GLY A 85 9.33 -1.36 -4.93
CA GLY A 85 9.62 -2.38 -3.95
C GLY A 85 8.67 -3.56 -4.08
N GLY A 86 7.57 -3.33 -4.75
CA GLY A 86 6.52 -4.33 -4.83
C GLY A 86 5.16 -3.70 -5.06
N PHE A 87 4.28 -4.48 -5.66
CA PHE A 87 2.93 -4.02 -5.99
C PHE A 87 1.95 -5.12 -5.64
N SER A 88 0.81 -4.75 -5.03
CA SER A 88 -0.19 -5.73 -4.59
C SER A 88 -1.59 -5.20 -4.90
N THR A 89 -2.32 -5.92 -5.75
CA THR A 89 -3.58 -5.41 -6.29
C THR A 89 -4.56 -5.07 -5.18
N PHE A 90 -4.63 -5.92 -4.15
CA PHE A 90 -5.58 -5.72 -3.06
C PHE A 90 -4.87 -5.33 -1.75
N ASP A 91 -3.65 -4.79 -1.83
CA ASP A 91 -2.99 -4.16 -0.68
C ASP A 91 -2.73 -5.20 0.43
N ALA A 92 -2.06 -6.30 0.06
CA ALA A 92 -1.62 -7.23 1.10
C ALA A 92 -0.70 -6.49 2.08
N ALA A 93 -0.96 -6.65 3.36
CA ALA A 93 -0.23 -5.95 4.40
C ALA A 93 1.27 -6.24 4.32
N THR A 94 2.07 -5.27 4.76
CA THR A 94 3.51 -5.42 4.92
C THR A 94 3.89 -5.01 6.33
N ALA A 95 5.04 -5.50 6.77
CA ALA A 95 5.59 -5.09 8.05
C ALA A 95 6.45 -3.84 7.89
N ASN A 96 6.61 -3.10 8.98
CA ASN A 96 7.53 -1.98 8.96
C ASN A 96 8.96 -2.49 9.01
N VAL A 97 9.86 -1.75 8.38
CA VAL A 97 11.29 -2.07 8.42
C VAL A 97 11.70 -2.21 9.88
N PRO A 98 12.22 -3.36 10.30
CA PRO A 98 12.62 -3.50 11.70
C PRO A 98 14.01 -2.94 11.96
N SER A 99 14.21 -2.53 13.21
CA SER A 99 15.52 -2.16 13.72
C SER A 99 16.56 -3.23 13.39
N GLY A 100 17.71 -2.79 12.89
CA GLY A 100 18.81 -3.68 12.56
C GLY A 100 18.88 -4.09 11.11
N LEU A 101 17.91 -3.70 10.29
CA LEU A 101 17.88 -4.01 8.86
C LEU A 101 17.90 -2.71 8.05
N GLU A 102 18.53 -2.77 6.89
CA GLU A 102 18.62 -1.62 6.00
C GLU A 102 17.28 -1.39 5.29
N PRO A 103 16.67 -0.21 5.44
CA PRO A 103 15.39 0.05 4.75
C PRO A 103 15.46 -0.17 3.25
N SER A 104 16.51 0.35 2.59
CA SER A 104 16.62 0.24 1.13
C SER A 104 16.73 -1.19 0.64
N GLN A 105 17.08 -2.15 1.52
CA GLN A 105 17.17 -3.56 1.19
C GLN A 105 15.92 -4.35 1.58
N TYR A 106 14.96 -3.73 2.25
CA TYR A 106 13.87 -4.46 2.88
C TYR A 106 12.88 -5.00 1.84
N PHE A 107 12.48 -4.18 0.89
CA PHE A 107 11.70 -4.66 -0.26
C PHE A 107 12.60 -4.75 -1.48
N PRO A 108 12.35 -5.67 -2.43
CA PRO A 108 11.28 -6.67 -2.55
C PRO A 108 11.42 -7.91 -1.66
N GLY A 109 12.56 -8.08 -1.00
CA GLY A 109 12.80 -9.30 -0.24
C GLY A 109 11.70 -9.62 0.74
N GLN A 110 11.29 -8.65 1.56
CA GLN A 110 10.19 -8.84 2.50
C GLN A 110 8.85 -8.35 1.97
N PHE A 111 8.72 -8.16 0.66
CA PHE A 111 7.40 -7.85 0.13
C PHE A 111 6.63 -9.14 -0.13
N PRO A 112 5.39 -9.25 0.34
CA PRO A 112 4.64 -10.51 0.18
C PRO A 112 4.51 -10.87 -1.30
N LYS A 113 4.85 -12.11 -1.62
CA LYS A 113 4.80 -12.52 -3.01
C LYS A 113 3.38 -12.83 -3.45
N PHE A 114 2.49 -13.13 -2.51
CA PHE A 114 1.07 -13.17 -2.80
C PHE A 114 0.32 -12.65 -1.58
N ASP A 115 -0.94 -12.33 -1.80
CA ASP A 115 -1.87 -11.86 -0.77
C ASP A 115 -2.44 -13.08 -0.06
N MET A 116 -1.89 -13.40 1.10
CA MET A 116 -2.37 -14.54 1.89
C MET A 116 -3.87 -14.44 2.18
N MET A 117 -4.29 -13.38 2.86
CA MET A 117 -5.71 -13.27 3.22
C MET A 117 -6.58 -13.23 1.99
N GLY A 118 -6.10 -12.57 0.93
CA GLY A 118 -6.88 -12.48 -0.29
C GLY A 118 -7.02 -13.82 -0.98
N ALA A 119 -5.91 -14.55 -1.13
CA ALA A 119 -5.99 -15.89 -1.74
C ALA A 119 -6.85 -16.83 -0.90
N TYR A 120 -6.86 -16.66 0.43
CA TYR A 120 -7.61 -17.58 1.27
C TYR A 120 -9.12 -17.31 1.17
N GLN A 121 -9.52 -16.04 1.14
CA GLN A 121 -10.93 -15.73 0.91
C GLN A 121 -11.39 -16.30 -0.42
N ALA A 122 -10.53 -16.25 -1.43
CA ALA A 122 -10.87 -16.66 -2.78
C ALA A 122 -11.03 -18.18 -2.90
N THR A 123 -10.18 -18.96 -2.22
CA THR A 123 -10.14 -20.40 -2.40
C THR A 123 -10.50 -21.21 -1.16
N TRP A 124 -10.49 -20.60 0.04
CA TRP A 124 -10.68 -21.31 1.31
C TRP A 124 -9.69 -22.46 1.49
N ASN A 125 -8.53 -22.39 0.84
CA ASN A 125 -7.51 -23.43 0.93
C ASN A 125 -6.68 -23.20 2.19
N GLU A 126 -6.85 -24.08 3.19
CA GLU A 126 -6.12 -23.94 4.44
C GLU A 126 -4.64 -24.29 4.32
N ASP A 127 -4.22 -24.95 3.24
CA ASP A 127 -2.78 -25.16 3.05
C ASP A 127 -2.04 -23.83 2.94
N ILE A 128 -2.73 -22.79 2.46
CA ILE A 128 -2.10 -21.49 2.25
C ILE A 128 -1.35 -21.03 3.49
N PHE A 129 -1.88 -21.35 4.68
CA PHE A 129 -1.25 -20.91 5.92
C PHE A 129 0.03 -21.67 6.24
N SER A 130 0.39 -22.69 5.45
CA SER A 130 1.60 -23.45 5.70
C SER A 130 2.87 -22.74 5.21
N VAL A 131 2.76 -21.60 4.54
CA VAL A 131 3.91 -20.90 3.97
C VAL A 131 3.99 -19.48 4.49
N ASP A 132 5.14 -18.86 4.23
CA ASP A 132 5.42 -17.46 4.50
C ASP A 132 5.34 -16.77 3.14
N ALA A 133 4.34 -15.90 2.96
CA ALA A 133 4.13 -15.28 1.65
C ALA A 133 5.31 -14.43 1.18
N THR A 134 6.16 -13.96 2.09
CA THR A 134 7.35 -13.23 1.67
C THR A 134 8.45 -14.15 1.16
N ALA A 135 8.42 -15.45 1.52
CA ALA A 135 9.50 -16.35 1.14
C ALA A 135 9.01 -17.53 0.32
N VAL A 136 8.37 -17.27 -0.81
CA VAL A 136 7.69 -18.33 -1.56
C VAL A 136 8.05 -18.20 -3.03
N SER A 137 8.29 -19.32 -3.69
CA SER A 137 8.61 -19.31 -5.10
C SER A 137 7.34 -19.41 -5.94
N GLU A 138 7.48 -19.09 -7.23
CA GLU A 138 6.40 -19.27 -8.17
C GLU A 138 5.93 -20.71 -8.19
N GLN A 139 6.87 -21.66 -8.08
CA GLN A 139 6.51 -23.07 -8.11
C GLN A 139 5.67 -23.44 -6.90
N GLN A 140 6.05 -22.95 -5.71
CA GLN A 140 5.24 -23.22 -4.54
C GLN A 140 3.84 -22.64 -4.68
N MET A 141 3.74 -21.40 -5.18
CA MET A 141 2.43 -20.78 -5.35
C MET A 141 1.57 -21.58 -6.31
N ASP A 142 2.17 -22.11 -7.39
CA ASP A 142 1.44 -23.01 -8.27
C ASP A 142 0.95 -24.24 -7.51
N GLU A 143 1.82 -24.82 -6.68
CA GLU A 143 1.43 -26.01 -5.94
C GLU A 143 0.31 -25.72 -4.96
N LEU A 144 0.26 -24.51 -4.40
CA LEU A 144 -0.82 -24.14 -3.51
C LEU A 144 -2.11 -23.77 -4.25
N GLY A 145 -2.07 -23.70 -5.57
CA GLY A 145 -3.21 -23.15 -6.30
C GLY A 145 -3.52 -21.70 -5.97
N ILE A 146 -2.49 -20.86 -5.86
CA ILE A 146 -2.68 -19.43 -5.59
C ILE A 146 -3.08 -18.76 -6.90
N PRO A 147 -4.29 -18.26 -7.04
CA PRO A 147 -4.67 -17.58 -8.29
C PRO A 147 -3.75 -16.41 -8.61
N ASP A 148 -3.52 -16.19 -9.91
CA ASP A 148 -2.68 -15.10 -10.39
C ASP A 148 -3.14 -13.74 -9.87
N GLU A 149 -4.45 -13.56 -9.70
CA GLU A 149 -4.97 -12.29 -9.22
C GLU A 149 -4.40 -11.89 -7.85
N TYR A 150 -3.92 -12.86 -7.07
CA TYR A 150 -3.41 -12.59 -5.73
C TYR A 150 -1.89 -12.56 -5.65
N ARG A 151 -1.20 -12.67 -6.79
CA ARG A 151 0.25 -12.66 -6.79
C ARG A 151 0.76 -11.24 -7.02
N SER A 152 1.75 -10.83 -6.22
CA SER A 152 2.29 -9.49 -6.29
C SER A 152 3.12 -9.28 -7.56
N VAL A 153 3.31 -8.02 -7.94
CA VAL A 153 4.06 -7.63 -9.13
C VAL A 153 5.32 -6.90 -8.69
N PHE A 154 6.45 -7.22 -9.32
CA PHE A 154 7.72 -6.62 -8.98
C PHE A 154 8.39 -5.88 -10.12
N ASP A 155 7.87 -6.03 -11.32
CA ASP A 155 8.36 -5.35 -12.52
C ASP A 155 7.26 -4.35 -12.90
N PHE A 156 7.57 -3.06 -12.81
CA PHE A 156 6.54 -2.04 -13.00
C PHE A 156 5.77 -2.27 -14.31
N ASP A 157 6.50 -2.56 -15.38
CA ASP A 157 5.92 -2.74 -16.70
C ASP A 157 4.82 -3.81 -16.72
N ARG A 158 4.84 -4.73 -15.79
CA ARG A 158 3.86 -5.80 -15.71
C ARG A 158 2.65 -5.45 -14.85
N ILE A 159 2.62 -4.25 -14.23
CA ILE A 159 1.44 -3.90 -13.45
C ILE A 159 0.23 -3.71 -14.35
N GLN A 160 0.42 -3.13 -15.55
CA GLN A 160 -0.70 -2.99 -16.48
C GLN A 160 -1.23 -4.34 -16.91
N GLU A 161 -0.35 -5.35 -17.01
CA GLU A 161 -0.83 -6.71 -17.31
C GLU A 161 -1.65 -7.28 -16.16
N LYS A 162 -1.22 -7.03 -14.91
CA LYS A 162 -2.00 -7.49 -13.77
C LYS A 162 -3.38 -6.83 -13.74
N MET A 163 -3.48 -5.59 -14.19
CA MET A 163 -4.70 -4.82 -14.14
C MET A 163 -5.50 -4.87 -15.44
N ALA A 164 -5.12 -5.76 -16.36
CA ALA A 164 -5.71 -5.78 -17.71
C ALA A 164 -7.17 -6.21 -17.72
N GLN A 165 -7.53 -7.25 -16.93
CA GLN A 165 -8.91 -7.73 -17.02
C GLN A 165 -9.91 -6.70 -16.53
N PRO A 166 -9.75 -6.07 -15.37
CA PRO A 166 -10.68 -4.98 -15.02
C PRO A 166 -10.64 -3.84 -16.01
N ARG A 167 -9.46 -3.48 -16.49
CA ARG A 167 -9.33 -2.39 -17.45
C ARG A 167 -10.11 -2.70 -18.73
N LEU A 168 -9.89 -3.90 -19.28
CA LEU A 168 -10.61 -4.30 -20.48
C LEU A 168 -12.12 -4.31 -20.27
N ALA A 169 -12.57 -4.80 -19.11
CA ALA A 169 -14.00 -4.85 -18.83
C ALA A 169 -14.57 -3.51 -18.41
N GLY A 170 -13.72 -2.52 -18.18
CA GLY A 170 -14.16 -1.22 -17.70
C GLY A 170 -14.69 -1.20 -16.28
N ARG A 171 -14.16 -2.05 -15.41
CA ARG A 171 -14.72 -2.15 -14.07
C ARG A 171 -13.92 -1.31 -13.08
N GLU A 172 -14.63 -0.87 -12.04
CA GLU A 172 -14.04 -0.07 -10.98
C GLU A 172 -13.23 -0.99 -10.09
N VAL A 173 -12.02 -0.55 -9.73
CA VAL A 173 -11.21 -1.28 -8.76
C VAL A 173 -10.91 -0.38 -7.57
N GLU A 174 -10.81 -1.00 -6.39
CA GLU A 174 -10.43 -0.31 -5.17
C GLU A 174 -8.97 0.15 -5.28
N PRO A 175 -8.51 1.02 -4.38
CA PRO A 175 -7.11 1.48 -4.42
C PRO A 175 -6.10 0.34 -4.35
N THR A 176 -5.27 0.23 -5.40
CA THR A 176 -4.13 -0.69 -5.40
C THR A 176 -2.96 -0.11 -4.61
N ALA A 177 -1.95 -0.95 -4.33
CA ALA A 177 -0.88 -0.54 -3.42
C ALA A 177 0.51 -0.95 -3.92
N ALA A 178 1.33 0.04 -4.26
CA ALA A 178 2.74 -0.14 -4.52
C ALA A 178 3.56 0.44 -3.38
N LYS A 179 4.70 -0.19 -3.09
CA LYS A 179 5.74 0.38 -2.26
C LYS A 179 6.83 0.91 -3.17
N ILE A 180 7.05 2.23 -3.13
CA ILE A 180 8.06 2.86 -3.97
C ILE A 180 8.96 3.72 -3.10
N CYS A 181 10.18 3.95 -3.60
CA CYS A 181 11.07 4.98 -3.04
C CYS A 181 11.22 6.04 -4.10
N TYR A 182 10.58 7.19 -3.91
CA TYR A 182 10.52 8.20 -4.95
C TYR A 182 11.58 9.25 -4.69
N GLN A 183 12.21 9.68 -5.74
CA GLN A 183 13.23 10.71 -5.70
C GLN A 183 12.63 12.03 -6.14
N PRO A 184 13.23 13.16 -5.74
CA PRO A 184 12.65 14.46 -6.12
C PRO A 184 12.32 14.56 -7.59
N LYS A 185 13.23 14.08 -8.45
CA LYS A 185 13.01 14.13 -9.89
C LYS A 185 11.84 13.28 -10.34
N ASP A 186 11.37 12.33 -9.51
CA ASP A 186 10.21 11.53 -9.85
C ASP A 186 8.89 12.27 -9.64
N VAL A 187 8.91 13.40 -8.91
CA VAL A 187 7.67 14.10 -8.59
C VAL A 187 7.24 14.91 -9.82
N LEU A 188 6.10 14.53 -10.40
CA LEU A 188 5.64 15.05 -11.68
C LEU A 188 4.42 15.96 -11.58
N GLY A 189 3.61 15.83 -10.54
CA GLY A 189 2.39 16.62 -10.45
C GLY A 189 1.80 16.56 -9.06
N ILE A 190 0.80 17.41 -8.86
CA ILE A 190 0.10 17.51 -7.58
C ILE A 190 -1.34 17.13 -7.82
N TYR A 191 -1.86 16.21 -6.99
CA TYR A 191 -3.22 15.71 -7.15
C TYR A 191 -4.24 16.69 -6.57
N VAL A 192 -5.36 16.87 -7.28
CA VAL A 192 -6.41 17.80 -6.88
C VAL A 192 -7.77 17.15 -7.10
N ASP A 193 -8.60 17.12 -6.07
CA ASP A 193 -10.00 16.71 -6.19
C ASP A 193 -10.81 17.94 -6.57
N VAL A 194 -11.32 17.95 -7.81
CA VAL A 194 -11.98 19.12 -8.36
C VAL A 194 -13.25 19.48 -7.61
N ASP A 195 -13.87 18.52 -6.92
CA ASP A 195 -15.09 18.76 -6.16
C ASP A 195 -14.84 19.05 -4.69
N SER A 196 -13.59 19.32 -4.30
CA SER A 196 -13.25 19.56 -2.91
C SER A 196 -12.48 20.86 -2.74
N PRO A 197 -13.10 21.92 -2.22
CA PRO A 197 -12.33 23.13 -1.92
C PRO A 197 -11.14 22.89 -1.03
N ALA A 198 -11.26 21.95 -0.07
CA ALA A 198 -10.17 21.69 0.86
C ALA A 198 -8.98 21.06 0.15
N SER A 199 -9.25 20.13 -0.78
CA SER A 199 -8.19 19.54 -1.59
C SER A 199 -7.48 20.60 -2.42
N GLN A 200 -8.24 21.44 -3.12
CA GLN A 200 -7.66 22.51 -3.92
C GLN A 200 -6.81 23.44 -3.06
N SER A 201 -7.28 23.75 -1.86
CA SER A 201 -6.56 24.66 -0.99
C SER A 201 -5.25 24.05 -0.53
N LYS A 202 -5.30 22.80 -0.09
CA LYS A 202 -4.08 22.09 0.24
C LYS A 202 -3.15 22.00 -0.95
N ALA A 203 -3.71 21.71 -2.13
CA ALA A 203 -2.90 21.62 -3.34
C ALA A 203 -2.12 22.91 -3.59
N ARG A 204 -2.76 24.08 -3.37
CA ARG A 204 -2.07 25.34 -3.60
C ARG A 204 -0.93 25.52 -2.61
N GLU A 205 -1.17 25.20 -1.33
CA GLU A 205 -0.12 25.22 -0.35
C GLU A 205 1.04 24.33 -0.77
N LEU A 206 0.72 23.13 -1.26
CA LEU A 206 1.78 22.21 -1.65
C LEU A 206 2.52 22.73 -2.87
N GLN A 207 1.79 23.30 -3.83
CA GLN A 207 2.45 23.82 -5.02
C GLN A 207 3.41 24.94 -4.66
N GLN A 208 3.04 25.77 -3.70
CA GLN A 208 3.92 26.86 -3.31
C GLN A 208 5.15 26.34 -2.60
N ALA A 209 4.97 25.36 -1.71
CA ALA A 209 6.11 24.82 -0.99
C ALA A 209 7.10 24.17 -1.96
N MET A 210 6.58 23.39 -2.92
CA MET A 210 7.43 22.69 -3.87
C MET A 210 8.11 23.65 -4.84
N ARG A 211 7.37 24.66 -5.32
CA ARG A 211 7.93 25.64 -6.23
C ARG A 211 9.09 26.39 -5.58
N GLU A 212 8.99 26.69 -4.29
CA GLU A 212 10.04 27.44 -3.59
C GLU A 212 11.36 26.68 -3.54
N GLN A 213 11.31 25.35 -3.70
CA GLN A 213 12.48 24.51 -3.72
C GLN A 213 12.90 24.15 -5.13
N GLY A 214 12.29 24.75 -6.14
CA GLY A 214 12.67 24.49 -7.51
C GLY A 214 11.88 23.41 -8.21
N PHE A 215 10.71 23.05 -7.70
CA PHE A 215 9.89 21.99 -8.28
C PHE A 215 8.51 22.58 -8.55
N ASP A 216 8.34 23.13 -9.75
CA ASP A 216 7.08 23.72 -10.19
C ASP A 216 6.23 22.61 -10.80
N LEU A 217 5.23 22.14 -10.06
CA LEU A 217 4.45 20.99 -10.50
C LEU A 217 3.08 21.42 -11.06
N PRO A 218 2.59 20.74 -12.09
CA PRO A 218 1.21 20.98 -12.56
C PRO A 218 0.20 20.46 -11.56
N PHE A 219 -1.00 21.02 -11.64
CA PHE A 219 -2.15 20.48 -10.91
C PHE A 219 -2.81 19.43 -11.79
N ILE A 220 -3.09 18.26 -11.23
CA ILE A 220 -3.62 17.14 -12.00
C ILE A 220 -4.90 16.65 -11.34
N ALA A 221 -5.98 16.61 -12.11
CA ALA A 221 -7.21 15.96 -11.67
C ALA A 221 -7.21 14.54 -12.23
N TYR A 222 -7.25 13.55 -11.36
CA TYR A 222 -7.38 12.16 -11.78
C TYR A 222 -8.72 11.62 -11.28
N ARG A 223 -9.44 10.91 -12.15
CA ARG A 223 -10.65 10.21 -11.74
C ARG A 223 -11.01 9.17 -12.80
N GLY A 224 -11.28 7.95 -12.35
CA GLY A 224 -11.92 6.94 -13.19
C GLY A 224 -11.16 6.57 -14.45
N GLY A 225 -9.83 6.62 -14.41
CA GLY A 225 -9.02 6.31 -15.58
C GLY A 225 -8.84 7.45 -16.55
N ALA A 226 -9.03 8.68 -16.11
CA ALA A 226 -8.77 9.83 -16.95
C ALA A 226 -8.10 10.87 -16.07
N ALA A 227 -7.25 11.68 -16.69
CA ALA A 227 -6.46 12.67 -15.99
C ALA A 227 -6.34 13.91 -16.86
N GLN A 228 -6.48 15.09 -16.25
CA GLN A 228 -6.44 16.33 -16.99
C GLN A 228 -5.61 17.35 -16.20
N GLU A 229 -4.97 18.25 -16.93
CA GLU A 229 -4.30 19.37 -16.31
C GLU A 229 -5.33 20.37 -15.81
N LEU A 230 -5.13 20.88 -14.60
CA LEU A 230 -5.90 22.01 -14.11
C LEU A 230 -5.00 23.24 -14.18
N ALA A 231 -5.47 24.28 -14.89
CA ALA A 231 -4.63 25.46 -15.12
C ALA A 231 -4.21 26.08 -13.80
N SER A 232 -5.17 26.31 -12.92
CA SER A 232 -4.90 26.83 -11.59
C SER A 232 -6.06 26.45 -10.69
N VAL A 233 -5.78 26.39 -9.39
CA VAL A 233 -6.80 26.07 -8.40
C VAL A 233 -6.68 27.02 -7.21
N MET B 1 0.64 -1.65 24.87
CA MET B 1 0.33 -1.04 23.57
C MET B 1 -0.92 -1.71 23.02
N GLN B 2 -1.51 -1.19 21.96
CA GLN B 2 -2.72 -1.82 21.45
C GLN B 2 -2.55 -2.29 20.01
N ILE B 3 -3.05 -3.50 19.74
CA ILE B 3 -3.06 -4.08 18.42
C ILE B 3 -4.51 -4.42 18.08
N PHE B 4 -4.74 -4.64 16.80
CA PHE B 4 -6.08 -4.81 16.25
C PHE B 4 -6.17 -6.11 15.48
N VAL B 5 -7.18 -6.90 15.80
CA VAL B 5 -7.41 -8.19 15.16
C VAL B 5 -8.69 -8.08 14.34
N LYS B 6 -8.58 -8.26 13.03
CA LYS B 6 -9.73 -8.21 12.15
C LYS B 6 -10.19 -9.63 11.87
N THR B 7 -11.49 -9.84 11.94
CA THR B 7 -12.13 -11.11 11.66
C THR B 7 -12.82 -11.03 10.31
N LEU B 8 -13.24 -12.20 9.82
CA LEU B 8 -13.98 -12.25 8.56
C LEU B 8 -15.47 -11.97 8.73
N THR B 9 -15.95 -11.78 9.96
CA THR B 9 -17.30 -11.30 10.17
C THR B 9 -17.36 -9.78 10.27
N GLY B 10 -16.24 -9.11 9.99
CA GLY B 10 -16.18 -7.67 9.96
C GLY B 10 -15.89 -7.03 11.29
N LYS B 11 -15.52 -7.80 12.31
CA LYS B 11 -15.20 -7.23 13.60
C LYS B 11 -13.72 -6.84 13.65
N THR B 12 -13.42 -5.83 14.46
CA THR B 12 -12.06 -5.46 14.80
C THR B 12 -11.94 -5.57 16.32
N ILE B 13 -11.02 -6.40 16.79
CA ILE B 13 -10.83 -6.60 18.22
C ILE B 13 -9.63 -5.77 18.67
N THR B 14 -9.82 -5.00 19.73
CA THR B 14 -8.75 -4.21 20.32
C THR B 14 -8.17 -5.01 21.48
N LEU B 15 -6.84 -5.11 21.50
CA LEU B 15 -6.16 -5.84 22.56
C LEU B 15 -5.08 -4.95 23.14
N GLU B 16 -4.92 -5.02 24.46
CA GLU B 16 -3.81 -4.39 25.15
C GLU B 16 -2.74 -5.45 25.37
N VAL B 17 -1.54 -5.20 24.86
CA VAL B 17 -0.46 -6.18 24.86
C VAL B 17 0.87 -5.49 25.11
N GLU B 18 1.82 -6.24 25.66
CA GLU B 18 3.21 -5.86 25.65
C GLU B 18 3.92 -6.66 24.56
N SER B 19 5.02 -6.10 24.04
CA SER B 19 5.74 -6.78 22.96
C SER B 19 6.36 -8.09 23.40
N SER B 20 6.49 -8.32 24.71
CA SER B 20 7.00 -9.59 25.22
C SER B 20 5.91 -10.65 25.33
N ASP B 21 4.66 -10.31 24.99
CA ASP B 21 3.60 -11.29 25.01
C ASP B 21 3.80 -12.35 23.92
N THR B 22 3.44 -13.57 24.26
CA THR B 22 3.41 -14.72 23.37
C THR B 22 2.15 -14.66 22.50
N ILE B 23 2.19 -15.36 21.35
CA ILE B 23 0.98 -15.60 20.58
C ILE B 23 -0.06 -16.36 21.41
N ASP B 24 0.38 -17.36 22.16
CA ASP B 24 -0.49 -18.02 23.14
C ASP B 24 -1.18 -16.99 24.02
N ASN B 25 -0.41 -16.04 24.54
CA ASN B 25 -0.99 -15.00 25.38
C ASN B 25 -2.02 -14.19 24.60
N VAL B 26 -1.73 -13.88 23.34
CA VAL B 26 -2.64 -13.09 22.53
C VAL B 26 -3.93 -13.87 22.27
N LYS B 27 -3.80 -15.17 21.99
CA LYS B 27 -4.97 -16.02 21.80
C LYS B 27 -5.78 -16.15 23.08
N SER B 28 -5.11 -16.23 24.23
CA SER B 28 -5.84 -16.17 25.50
C SER B 28 -6.62 -14.87 25.62
N LYS B 29 -6.02 -13.74 25.26
CA LYS B 29 -6.73 -12.47 25.34
C LYS B 29 -7.93 -12.45 24.40
N ILE B 30 -7.86 -13.16 23.27
CA ILE B 30 -8.99 -13.23 22.37
C ILE B 30 -10.07 -14.16 22.93
N GLN B 31 -9.67 -15.21 23.65
CA GLN B 31 -10.62 -16.00 24.41
C GLN B 31 -11.34 -15.15 25.44
N ASP B 32 -10.58 -14.35 26.20
CA ASP B 32 -11.17 -13.53 27.25
C ASP B 32 -12.20 -12.56 26.70
N LYS B 33 -11.99 -12.04 25.49
CA LYS B 33 -12.88 -11.00 24.98
C LYS B 33 -13.98 -11.53 24.06
N GLU B 34 -13.83 -12.72 23.49
CA GLU B 34 -14.77 -13.21 22.49
C GLU B 34 -15.16 -14.67 22.68
N GLY B 35 -14.68 -15.32 23.73
CA GLY B 35 -15.02 -16.72 23.96
C GLY B 35 -14.57 -17.68 22.90
N ILE B 36 -13.52 -17.35 22.14
CA ILE B 36 -12.98 -18.23 21.12
C ILE B 36 -11.91 -19.11 21.75
N PRO B 37 -12.00 -20.42 21.66
CA PRO B 37 -10.93 -21.28 22.19
C PRO B 37 -9.67 -21.10 21.38
N PRO B 38 -8.53 -20.94 22.06
CA PRO B 38 -7.26 -20.73 21.36
C PRO B 38 -6.95 -21.76 20.28
N ASP B 39 -7.23 -23.04 20.53
CA ASP B 39 -6.94 -24.07 19.54
C ASP B 39 -7.70 -23.88 18.24
N GLN B 40 -8.68 -22.98 18.19
CA GLN B 40 -9.41 -22.69 16.96
C GLN B 40 -8.93 -21.44 16.25
N GLN B 41 -7.93 -20.75 16.78
CA GLN B 41 -7.49 -19.45 16.26
C GLN B 41 -6.23 -19.61 15.42
N ARG B 42 -6.28 -19.15 14.17
CA ARG B 42 -5.09 -18.81 13.39
C ARG B 42 -4.89 -17.30 13.45
N LEU B 43 -3.68 -16.87 13.79
CA LEU B 43 -3.36 -15.45 13.77
C LEU B 43 -2.40 -15.18 12.62
N ILE B 44 -2.79 -14.26 11.74
CA ILE B 44 -2.06 -13.94 10.53
C ILE B 44 -1.54 -12.52 10.65
N PHE B 45 -0.24 -12.34 10.38
CA PHE B 45 0.35 -11.01 10.33
C PHE B 45 1.33 -10.93 9.17
N ALA B 46 1.09 -9.98 8.27
CA ALA B 46 1.98 -9.71 7.14
C ALA B 46 2.35 -11.01 6.41
N GLY B 47 1.34 -11.79 6.06
CA GLY B 47 1.55 -12.90 5.16
C GLY B 47 2.15 -14.15 5.78
N LYS B 48 2.00 -14.33 7.08
CA LYS B 48 2.43 -15.58 7.71
C LYS B 48 1.55 -15.86 8.91
N GLN B 49 1.35 -17.15 9.18
CA GLN B 49 0.60 -17.58 10.34
C GLN B 49 1.55 -17.67 11.52
N LEU B 50 1.15 -17.05 12.64
CA LEU B 50 2.05 -16.84 13.78
C LEU B 50 2.06 -18.08 14.66
N GLU B 51 3.24 -18.40 15.19
CA GLU B 51 3.46 -19.61 15.98
C GLU B 51 3.26 -19.29 17.46
N ASP B 52 2.50 -20.13 18.15
CA ASP B 52 2.43 -20.02 19.61
C ASP B 52 3.82 -20.14 20.19
N GLY B 53 4.07 -19.44 21.28
CA GLY B 53 5.36 -19.50 21.90
C GLY B 53 6.35 -18.45 21.46
N ARG B 54 6.19 -17.89 20.27
CA ARG B 54 7.00 -16.75 19.91
C ARG B 54 6.30 -15.47 20.32
N THR B 55 7.08 -14.42 20.50
CA THR B 55 6.54 -13.19 21.04
C THR B 55 6.20 -12.22 19.93
N LEU B 56 5.40 -11.21 20.30
CA LEU B 56 5.11 -10.13 19.38
C LEU B 56 6.39 -9.50 18.85
N SER B 57 7.35 -9.23 19.75
CA SER B 57 8.62 -8.63 19.37
C SER B 57 9.35 -9.47 18.32
N ASP B 58 9.34 -10.80 18.49
CA ASP B 58 9.98 -11.71 17.55
C ASP B 58 9.38 -11.61 16.15
N TYR B 59 8.09 -11.29 16.05
CA TYR B 59 7.47 -11.05 14.75
C TYR B 59 7.43 -9.57 14.37
N ASN B 60 8.07 -8.69 15.15
CA ASN B 60 8.09 -7.27 14.82
C ASN B 60 6.71 -6.64 14.88
N ILE B 61 5.82 -7.16 15.73
CA ILE B 61 4.46 -6.63 15.80
C ILE B 61 4.51 -5.39 16.69
N GLN B 62 4.33 -4.24 16.08
CA GLN B 62 4.53 -2.95 16.73
C GLN B 62 3.19 -2.41 17.21
N LYS B 63 3.23 -1.21 17.80
CA LYS B 63 2.01 -0.53 18.21
C LYS B 63 1.09 -0.34 17.01
N GLU B 64 -0.21 -0.58 17.23
CA GLU B 64 -1.26 -0.36 16.23
C GLU B 64 -1.11 -1.27 15.00
N SER B 65 -0.40 -2.38 15.11
CA SER B 65 -0.40 -3.37 14.04
C SER B 65 -1.78 -4.02 13.92
N THR B 66 -2.08 -4.51 12.72
CA THR B 66 -3.32 -5.19 12.42
C THR B 66 -3.01 -6.64 12.13
N LEU B 67 -3.60 -7.54 12.90
CA LEU B 67 -3.52 -8.97 12.66
C LEU B 67 -4.86 -9.44 12.08
N HIS B 68 -4.86 -10.61 11.47
CA HIS B 68 -6.10 -11.19 10.96
C HIS B 68 -6.34 -12.52 11.64
N LEU B 69 -7.49 -12.63 12.30
CA LEU B 69 -7.97 -13.87 12.89
C LEU B 69 -8.71 -14.68 11.82
N VAL B 70 -8.40 -15.97 11.76
CA VAL B 70 -9.14 -16.93 10.93
C VAL B 70 -9.40 -18.15 11.80
N LEU B 71 -10.63 -18.64 11.79
CA LEU B 71 -10.99 -19.78 12.64
C LEU B 71 -10.63 -21.09 11.97
N ARG B 72 -10.13 -22.03 12.78
CA ARG B 72 -9.61 -23.30 12.27
C ARG B 72 -10.64 -24.42 12.37
S SO4 C . -14.36 20.09 1.41
O1 SO4 C . -13.83 19.72 2.72
O2 SO4 C . -15.82 20.25 1.46
O3 SO4 C . -13.78 21.37 1.00
O4 SO4 C . -14.01 19.03 0.46
S SO4 D . -6.81 -7.85 1.81
O1 SO4 D . -5.41 -8.20 2.15
O2 SO4 D . -7.68 -8.14 2.97
O3 SO4 D . -6.92 -6.38 1.60
O4 SO4 D . -7.24 -8.63 0.59
C1 GOL E . 2.98 4.58 4.20
O1 GOL E . 3.67 5.34 3.25
C2 GOL E . 1.91 5.51 4.78
O2 GOL E . 2.34 6.83 4.78
C3 GOL E . 0.65 5.30 3.89
O3 GOL E . 0.24 6.58 3.50
N1 NCA F . -2.36 3.16 0.98
C2 NCA F . -2.10 4.46 0.69
C3 NCA F . -1.97 4.86 -0.64
C4 NCA F . -2.11 3.96 -1.64
C5 NCA F . -2.37 2.67 -1.35
C6 NCA F . -2.49 2.26 -0.02
C7 NCA F . -1.68 6.33 -0.94
O7 NCA F . -1.80 6.75 -2.04
N7 NCA F . -1.31 7.19 0.18
PB AR6 G . -8.63 0.15 8.00
O1B AR6 G . -8.79 1.55 7.52
C1D AR6 G . -4.87 -2.11 10.89
O2B AR6 G . -10.10 -0.56 8.18
C2D AR6 G . -4.32 -0.96 11.31
O2D AR6 G . -3.50 -1.21 12.49
O3A AR6 G . -7.80 -0.61 7.03
C3D AR6 G . -5.51 -0.09 11.67
O3D AR6 G . -5.53 0.16 13.00
C4D AR6 G . -6.71 -1.05 11.26
O4D AR6 G . -6.19 -2.20 11.45
C5D AR6 G . -7.00 -0.92 9.77
O5D AR6 G . -7.87 0.17 9.50
C1 GOL H . -3.34 -26.97 9.63
O1 GOL H . -3.80 -26.57 8.37
C2 GOL H . -1.81 -26.65 9.79
O2 GOL H . -1.55 -25.28 9.86
C3 GOL H . -1.47 -27.26 11.13
O3 GOL H . -1.58 -26.19 12.01
#